data_3T4V
#
_entry.id   3T4V
#
_cell.length_a   37.070
_cell.length_b   39.234
_cell.length_c   40.261
_cell.angle_alpha   76.330
_cell.angle_beta   74.560
_cell.angle_gamma   65.280
#
_symmetry.space_group_name_H-M   'P 1'
#
loop_
_entity.id
_entity.type
_entity.pdbx_description
1 polymer 'Alpha-ketoglutarate-dependent dioxygenase AlkB'
2 non-polymer 'FE (III) ION'
3 non-polymer N-(carboxycarbonyl)-S-(naphthalen-2-ylmethyl)-L-cysteine
4 non-polymer GLYCEROL
5 water water
#
_entity_poly.entity_id   1
_entity_poly.type   'polypeptide(L)'
_entity_poly.pdbx_seq_one_letter_code
;MQEPLAAGAVILRRFAFNAAEQLIRDINDVASQSPFRQMVTPGGYTMSVAMTNCGHLGWTTHRQGYLYSPIDPQTNKPWP
AMPQSFHNLCQRAATAAGYPDFQPDACLINRYAPGAKLSLHQDKDEPDLRAPIVSVSLGLPAIFQFGGLKRNDPLKRLLL
EHGDVVVWGGESRLFYHGIQPLKAGFHPLTIDCRYNLTFRQAGKKE
;
_entity_poly.pdbx_strand_id   A
#
# COMPACT_ATOMS: atom_id res chain seq x y z
N LEU A 5 19.98 -0.64 -7.47
CA LEU A 5 19.14 -1.43 -6.55
C LEU A 5 17.75 -1.72 -7.15
N ALA A 6 16.88 -0.72 -7.17
CA ALA A 6 15.69 -0.81 -8.02
C ALA A 6 15.60 0.47 -8.86
N ALA A 7 15.82 0.35 -10.16
CA ALA A 7 15.91 1.53 -11.02
C ALA A 7 14.60 2.31 -11.00
N GLY A 8 14.68 3.59 -10.65
CA GLY A 8 13.52 4.46 -10.60
C GLY A 8 12.85 4.57 -9.24
N ALA A 9 13.23 3.69 -8.32
CA ALA A 9 12.63 3.68 -6.98
C ALA A 9 13.42 4.65 -6.14
N VAL A 10 12.74 5.39 -5.29
CA VAL A 10 13.42 6.34 -4.42
C VAL A 10 13.04 5.93 -3.01
N ILE A 11 14.01 5.40 -2.28
CA ILE A 11 13.81 4.92 -0.94
C ILE A 11 14.11 6.01 0.07
N LEU A 12 13.11 6.40 0.85
CA LEU A 12 13.32 7.39 1.89
C LEU A 12 13.07 6.72 3.23
N ARG A 13 14.13 6.27 3.87
CA ARG A 13 13.97 5.53 5.11
C ARG A 13 13.61 6.50 6.23
N ARG A 14 12.70 6.08 7.08
CA ARG A 14 12.19 6.85 8.22
C ARG A 14 11.57 8.20 7.84
N PHE A 15 11.18 8.36 6.57
CA PHE A 15 10.58 9.64 6.12
C PHE A 15 9.29 9.95 6.88
N ALA A 16 8.52 8.89 7.16
CA ALA A 16 7.23 9.00 7.87
C ALA A 16 7.36 8.76 9.38
N PHE A 17 8.59 8.64 9.88
CA PHE A 17 8.76 8.33 11.31
C PHE A 17 8.05 9.31 12.25
N ASN A 18 8.24 10.61 12.03
CA ASN A 18 7.61 11.60 12.90
C ASN A 18 6.08 11.69 12.72
N ALA A 19 5.60 11.40 11.51
CA ALA A 19 4.17 11.43 11.21
C ALA A 19 3.41 10.17 11.61
N ALA A 20 4.14 9.13 11.98
CA ALA A 20 3.57 7.79 12.15
C ALA A 20 2.38 7.70 13.13
N GLU A 21 2.48 8.37 14.27
CA GLU A 21 1.37 8.33 15.24
C GLU A 21 0.06 8.90 14.67
N GLN A 22 0.18 10.06 14.02
CA GLN A 22 -0.97 10.65 13.34
C GLN A 22 -1.48 9.74 12.22
N LEU A 23 -0.56 9.15 11.46
CA LEU A 23 -0.97 8.31 10.35
C LEU A 23 -1.77 7.15 10.88
N ILE A 24 -1.35 6.61 12.00
CA ILE A 24 -1.99 5.42 12.56
C ILE A 24 -3.36 5.80 13.14
N ARG A 25 -3.43 6.99 13.76
CA ARG A 25 -4.73 7.51 14.18
C ARG A 25 -5.70 7.57 13.00
N ASP A 26 -5.16 8.01 11.88
CA ASP A 26 -5.97 8.20 10.67
C ASP A 26 -6.37 6.89 10.02
N ILE A 27 -5.47 5.90 10.07
CA ILE A 27 -5.81 4.53 9.69
C ILE A 27 -6.97 4.04 10.56
N ASN A 28 -6.90 4.26 11.87
CA ASN A 28 -7.98 3.81 12.73
C ASN A 28 -9.30 4.48 12.39
N ASP A 29 -9.23 5.79 12.10
CA ASP A 29 -10.43 6.49 11.72
C ASP A 29 -11.04 5.98 10.41
N VAL A 30 -10.18 5.69 9.45
CA VAL A 30 -10.64 5.23 8.16
C VAL A 30 -11.33 3.90 8.38
N ALA A 31 -10.68 3.03 9.14
CA ALA A 31 -11.21 1.66 9.36
C ALA A 31 -12.48 1.64 10.17
N SER A 32 -12.73 2.71 10.93
CA SER A 32 -13.98 2.80 11.70
C SER A 32 -15.16 2.98 10.75
N GLN A 33 -14.85 3.39 9.52
CA GLN A 33 -15.87 3.68 8.50
C GLN A 33 -15.98 2.55 7.46
N SER A 34 -14.87 2.29 6.78
CA SER A 34 -14.73 1.10 5.94
C SER A 34 -13.77 0.14 6.67
N PRO A 35 -14.32 -0.94 7.27
CA PRO A 35 -13.53 -1.83 8.11
C PRO A 35 -12.47 -2.59 7.31
N PHE A 36 -11.39 -3.01 7.96
CA PHE A 36 -10.46 -3.93 7.33
C PHE A 36 -11.23 -5.21 6.97
N ARG A 37 -11.00 -5.75 5.77
CA ARG A 37 -11.53 -7.06 5.41
C ARG A 37 -10.53 -7.87 4.60
N GLN A 38 -10.61 -9.18 4.70
CA GLN A 38 -9.74 -10.01 3.88
C GLN A 38 -10.54 -10.41 2.65
N MET A 39 -10.09 -9.93 1.51
CA MET A 39 -10.75 -10.18 0.24
C MET A 39 -10.49 -11.59 -0.27
N VAL A 40 -11.38 -12.05 -1.11
CA VAL A 40 -11.27 -13.33 -1.77
C VAL A 40 -10.74 -13.15 -3.18
N THR A 41 -9.69 -13.88 -3.51
CA THR A 41 -9.13 -13.80 -4.85
C THR A 41 -10.04 -14.45 -5.86
N PRO A 42 -9.96 -14.01 -7.12
CA PRO A 42 -10.45 -14.93 -8.15
C PRO A 42 -9.60 -16.19 -7.99
N GLY A 43 -10.20 -17.36 -7.99
CA GLY A 43 -9.48 -18.56 -7.62
C GLY A 43 -9.92 -19.04 -6.24
N GLY A 44 -10.51 -18.13 -5.47
CA GLY A 44 -11.32 -18.51 -4.32
C GLY A 44 -10.64 -18.55 -2.98
N TYR A 45 -9.42 -18.04 -2.89
CA TYR A 45 -8.67 -18.05 -1.65
C TYR A 45 -8.84 -16.76 -0.88
N THR A 46 -8.90 -16.86 0.44
CA THR A 46 -8.99 -15.66 1.25
C THR A 46 -7.60 -15.11 1.52
N MET A 47 -7.39 -13.86 1.14
CA MET A 47 -6.10 -13.23 1.34
CA MET A 47 -6.13 -13.17 1.36
C MET A 47 -5.79 -13.19 2.84
N SER A 48 -4.50 -13.36 3.17
CA SER A 48 -4.07 -13.27 4.56
C SER A 48 -3.96 -11.80 5.01
N VAL A 49 -3.65 -10.93 4.05
CA VAL A 49 -3.56 -9.49 4.31
C VAL A 49 -4.98 -8.95 4.36
N ALA A 50 -5.27 -8.13 5.36
CA ALA A 50 -6.54 -7.42 5.42
C ALA A 50 -6.42 -6.02 4.83
N MET A 51 -7.48 -5.55 4.17
CA MET A 51 -7.40 -4.28 3.43
C MET A 51 -8.55 -3.36 3.70
N THR A 52 -8.29 -2.07 3.48
CA THR A 52 -9.38 -1.10 3.29
C THR A 52 -8.80 0.02 2.39
N ASN A 53 -9.55 1.10 2.15
CA ASN A 53 -9.06 2.17 1.30
C ASN A 53 -9.57 3.50 1.83
N CYS A 54 -8.90 4.57 1.42
CA CYS A 54 -9.50 5.90 1.55
C CYS A 54 -9.18 6.69 0.30
N GLY A 55 -9.87 7.80 0.11
CA GLY A 55 -9.81 8.54 -1.14
C GLY A 55 -11.06 8.37 -2.01
N HIS A 56 -11.04 8.98 -3.19
CA HIS A 56 -12.20 8.87 -4.08
C HIS A 56 -12.39 7.44 -4.58
N LEU A 57 -11.29 6.73 -4.75
CA LEU A 57 -11.36 5.38 -5.30
C LEU A 57 -10.66 4.42 -4.35
N GLY A 58 -11.07 3.16 -4.38
CA GLY A 58 -10.30 2.23 -3.60
C GLY A 58 -10.31 0.89 -4.29
N TRP A 59 -9.26 0.12 -4.00
CA TRP A 59 -9.03 -1.16 -4.68
CA TRP A 59 -9.03 -1.14 -4.68
C TRP A 59 -9.84 -2.24 -4.03
N THR A 60 -10.59 -3.00 -4.84
CA THR A 60 -11.37 -4.07 -4.28
C THR A 60 -11.68 -5.17 -5.29
N THR A 61 -11.95 -6.38 -4.79
CA THR A 61 -12.58 -7.39 -5.62
C THR A 61 -14.00 -6.96 -5.92
N HIS A 62 -14.46 -7.30 -7.12
CA HIS A 62 -15.85 -7.18 -7.48
C HIS A 62 -16.04 -8.22 -8.56
N ARG A 63 -17.15 -8.94 -8.52
CA ARG A 63 -17.51 -9.90 -9.57
C ARG A 63 -16.38 -10.84 -10.04
N GLN A 64 -15.53 -11.33 -9.12
CA GLN A 64 -14.46 -12.25 -9.55
C GLN A 64 -13.41 -11.58 -10.45
N GLY A 65 -13.19 -10.30 -10.21
CA GLY A 65 -12.11 -9.55 -10.82
C GLY A 65 -11.75 -8.50 -9.80
N TYR A 66 -10.79 -7.65 -10.15
CA TYR A 66 -10.35 -6.59 -9.26
C TYR A 66 -10.64 -5.27 -9.96
N LEU A 67 -10.88 -4.21 -9.18
CA LEU A 67 -10.92 -2.88 -9.80
C LEU A 67 -10.87 -1.78 -8.77
N TYR A 68 -10.81 -0.54 -9.25
CA TYR A 68 -10.95 0.62 -8.40
C TYR A 68 -12.38 1.09 -8.44
N SER A 69 -12.97 1.23 -7.27
CA SER A 69 -14.37 1.56 -7.15
C SER A 69 -14.54 2.77 -6.23
N PRO A 70 -15.45 3.68 -6.59
CA PRO A 70 -15.79 4.83 -5.73
C PRO A 70 -16.61 4.39 -4.52
N ILE A 71 -17.18 3.19 -4.56
CA ILE A 71 -17.99 2.72 -3.43
C ILE A 71 -17.36 1.48 -2.80
N ASP A 72 -17.36 1.44 -1.47
CA ASP A 72 -16.90 0.25 -0.75
C ASP A 72 -18.00 -0.80 -0.84
N PRO A 73 -17.72 -1.95 -1.47
CA PRO A 73 -18.79 -2.97 -1.61
C PRO A 73 -19.28 -3.53 -0.26
N GLN A 74 -18.48 -3.39 0.79
CA GLN A 74 -18.90 -3.90 2.11
C GLN A 74 -19.90 -2.99 2.81
N THR A 75 -19.69 -1.67 2.74
CA THR A 75 -20.63 -0.71 3.36
C THR A 75 -21.72 -0.14 2.43
N ASN A 76 -21.49 -0.32 1.13
CA ASN A 76 -22.20 0.37 0.06
C ASN A 76 -22.12 1.89 0.11
N LYS A 77 -21.10 2.41 0.78
CA LYS A 77 -20.92 3.85 0.90
C LYS A 77 -19.57 4.19 0.29
N PRO A 78 -19.34 5.46 -0.05
CA PRO A 78 -18.01 5.84 -0.51
C PRO A 78 -16.95 5.45 0.49
N TRP A 79 -15.74 5.17 0.01
CA TRP A 79 -14.64 5.02 0.94
C TRP A 79 -14.47 6.34 1.68
N PRO A 80 -13.87 6.30 2.88
CA PRO A 80 -13.65 7.56 3.60
C PRO A 80 -12.74 8.49 2.82
N ALA A 81 -12.92 9.79 3.02
CA ALA A 81 -12.06 10.79 2.40
C ALA A 81 -10.61 10.59 2.81
N MET A 82 -9.70 10.96 1.91
CA MET A 82 -8.26 10.90 2.16
CA MET A 82 -8.30 10.84 2.22
C MET A 82 -7.91 11.80 3.34
N PRO A 83 -7.33 11.26 4.44
CA PRO A 83 -6.87 12.09 5.55
C PRO A 83 -5.79 13.13 5.14
N GLN A 84 -5.83 14.30 5.75
CA GLN A 84 -4.81 15.29 5.48
C GLN A 84 -3.41 14.75 5.69
N SER A 85 -3.20 14.02 6.79
CA SER A 85 -1.87 13.48 7.08
C SER A 85 -1.34 12.66 5.89
N PHE A 86 -2.22 11.81 5.33
CA PHE A 86 -1.90 10.95 4.20
C PHE A 86 -1.54 11.81 2.98
N HIS A 87 -2.42 12.76 2.67
CA HIS A 87 -2.29 13.58 1.47
C HIS A 87 -0.94 14.32 1.51
N ASN A 88 -0.67 14.93 2.67
CA ASN A 88 0.49 15.80 2.82
C ASN A 88 1.79 15.00 2.83
N LEU A 89 1.80 13.87 3.54
CA LEU A 89 3.00 13.05 3.57
C LEU A 89 3.34 12.57 2.15
N CYS A 90 2.30 12.10 1.47
CA CYS A 90 2.50 11.55 0.13
C CYS A 90 3.07 12.64 -0.76
N GLN A 91 2.47 13.82 -0.70
CA GLN A 91 2.97 14.91 -1.53
C GLN A 91 4.43 15.29 -1.22
N ARG A 92 4.80 15.30 0.05
CA ARG A 92 6.19 15.62 0.39
C ARG A 92 7.12 14.60 -0.20
N ALA A 93 6.75 13.32 -0.09
CA ALA A 93 7.62 12.25 -0.57
C ALA A 93 7.73 12.29 -2.12
N ALA A 94 6.60 12.38 -2.77
CA ALA A 94 6.58 12.37 -4.23
C ALA A 94 7.38 13.56 -4.73
N THR A 95 7.19 14.70 -4.09
CA THR A 95 7.86 15.91 -4.54
C THR A 95 9.37 15.76 -4.39
N ALA A 96 9.81 15.26 -3.23
CA ALA A 96 11.26 15.05 -3.03
C ALA A 96 11.86 14.08 -4.06
N ALA A 97 11.05 13.13 -4.52
CA ALA A 97 11.49 12.09 -5.43
C ALA A 97 11.37 12.52 -6.88
N GLY A 98 10.88 13.75 -7.11
CA GLY A 98 10.85 14.27 -8.47
C GLY A 98 9.54 14.04 -9.22
N TYR A 99 8.48 13.79 -8.49
CA TYR A 99 7.14 13.64 -9.05
C TYR A 99 6.20 14.67 -8.41
N PRO A 100 6.46 15.96 -8.66
CA PRO A 100 5.72 17.01 -7.96
C PRO A 100 4.23 17.11 -8.34
N ASP A 101 3.86 16.51 -9.47
CA ASP A 101 2.46 16.54 -9.93
C ASP A 101 1.65 15.35 -9.49
N PHE A 102 2.27 14.41 -8.80
CA PHE A 102 1.56 13.20 -8.37
C PHE A 102 0.38 13.56 -7.48
N GLN A 103 -0.82 13.08 -7.85
CA GLN A 103 -2.05 13.46 -7.14
C GLN A 103 -2.89 12.23 -6.97
N PRO A 104 -2.58 11.45 -5.94
CA PRO A 104 -3.29 10.19 -5.74
C PRO A 104 -4.76 10.44 -5.37
N ASP A 105 -5.63 9.69 -6.00
CA ASP A 105 -7.06 9.62 -5.66
C ASP A 105 -7.47 8.37 -4.88
N ALA A 106 -6.50 7.51 -4.63
CA ALA A 106 -6.73 6.22 -3.96
C ALA A 106 -5.59 5.88 -3.01
N CYS A 107 -5.93 5.39 -1.83
CA CYS A 107 -4.90 4.89 -0.94
C CYS A 107 -5.37 3.54 -0.42
N LEU A 108 -4.63 2.49 -0.77
CA LEU A 108 -4.96 1.14 -0.28
C LEU A 108 -4.21 0.95 1.04
N ILE A 109 -4.90 0.44 2.06
CA ILE A 109 -4.29 0.27 3.36
C ILE A 109 -4.28 -1.22 3.62
N ASN A 110 -3.08 -1.75 3.69
CA ASN A 110 -2.85 -3.19 3.92
C ASN A 110 -2.47 -3.42 5.38
N ARG A 111 -3.11 -4.39 6.04
CA ARG A 111 -2.77 -4.72 7.42
C ARG A 111 -2.28 -6.16 7.45
N TYR A 112 -1.09 -6.35 8.02
CA TYR A 112 -0.44 -7.66 8.22
C TYR A 112 -0.41 -8.08 9.67
N ALA A 113 -1.14 -9.15 9.97
CA ALA A 113 -0.98 -9.91 11.21
C ALA A 113 0.19 -10.88 11.01
N PRO A 114 0.71 -11.45 12.11
CA PRO A 114 1.78 -12.43 11.94
C PRO A 114 1.43 -13.49 10.91
N GLY A 115 2.36 -13.81 10.03
CA GLY A 115 2.14 -14.88 9.06
C GLY A 115 1.58 -14.36 7.74
N ALA A 116 1.02 -13.16 7.77
CA ALA A 116 0.40 -12.61 6.56
C ALA A 116 1.43 -12.26 5.51
N LYS A 117 1.05 -12.45 4.26
CA LYS A 117 1.97 -12.24 3.14
C LYS A 117 1.25 -11.69 1.93
N LEU A 118 2.01 -11.19 0.98
CA LEU A 118 1.41 -10.72 -0.25
C LEU A 118 2.20 -11.34 -1.39
N SER A 119 1.52 -12.17 -2.17
CA SER A 119 2.18 -12.95 -3.19
C SER A 119 2.71 -12.05 -4.30
N LEU A 120 3.72 -12.54 -5.00
CA LEU A 120 4.36 -11.79 -6.09
C LEU A 120 3.35 -11.34 -7.15
N HIS A 121 3.37 -10.05 -7.47
CA HIS A 121 2.43 -9.48 -8.43
C HIS A 121 3.01 -8.19 -8.98
N GLN A 122 2.39 -7.70 -10.05
CA GLN A 122 2.60 -6.35 -10.57
C GLN A 122 1.37 -5.53 -10.24
N ASP A 123 1.55 -4.22 -10.08
CA ASP A 123 0.37 -3.38 -10.05
C ASP A 123 0.25 -2.79 -11.44
N LYS A 124 -0.67 -3.40 -12.19
CA LYS A 124 -0.93 -3.06 -13.59
C LYS A 124 -2.22 -2.32 -13.90
N ASP A 125 -3.02 -2.04 -12.89
CA ASP A 125 -4.41 -1.65 -13.14
C ASP A 125 -4.68 -0.15 -13.14
N GLU A 126 -3.65 0.63 -12.89
CA GLU A 126 -3.80 2.08 -12.90
C GLU A 126 -3.78 2.53 -14.37
N PRO A 127 -4.48 3.64 -14.68
CA PRO A 127 -4.60 4.10 -16.06
C PRO A 127 -3.30 4.59 -16.68
N ASP A 128 -2.38 5.14 -15.88
CA ASP A 128 -1.13 5.63 -16.44
C ASP A 128 0.02 5.09 -15.62
N LEU A 129 0.80 4.20 -16.22
CA LEU A 129 1.87 3.56 -15.45
C LEU A 129 3.12 4.42 -15.37
N ARG A 130 3.08 5.61 -15.93
CA ARG A 130 4.13 6.59 -15.72
C ARG A 130 3.98 7.28 -14.38
N ALA A 131 2.80 7.20 -13.80
CA ALA A 131 2.59 7.78 -12.46
C ALA A 131 3.12 6.79 -11.44
N PRO A 132 3.91 7.28 -10.47
CA PRO A 132 4.44 6.42 -9.41
C PRO A 132 3.38 5.88 -8.46
N ILE A 133 3.76 4.87 -7.68
CA ILE A 133 3.02 4.54 -6.48
C ILE A 133 3.90 4.87 -5.30
N VAL A 134 3.29 5.37 -4.22
CA VAL A 134 4.09 5.72 -3.05
C VAL A 134 3.67 4.80 -1.89
N SER A 135 4.61 4.05 -1.31
CA SER A 135 4.29 3.22 -0.15
C SER A 135 4.83 3.80 1.14
N VAL A 136 4.08 3.59 2.21
CA VAL A 136 4.50 4.02 3.55
C VAL A 136 4.32 2.82 4.48
N SER A 137 5.40 2.41 5.15
CA SER A 137 5.37 1.23 6.01
C SER A 137 5.36 1.69 7.46
N LEU A 138 4.53 1.03 8.27
CA LEU A 138 4.32 1.41 9.67
C LEU A 138 4.29 0.14 10.51
N GLY A 139 4.89 0.21 11.69
CA GLY A 139 4.87 -0.94 12.59
C GLY A 139 5.96 -1.98 12.35
N LEU A 140 5.60 -3.26 12.50
CA LEU A 140 6.55 -4.33 12.40
C LEU A 140 7.23 -4.38 11.04
N PRO A 141 8.50 -4.79 11.01
CA PRO A 141 9.23 -4.85 9.73
C PRO A 141 8.85 -6.03 8.88
N ALA A 142 9.01 -5.88 7.57
CA ALA A 142 8.61 -6.94 6.65
C ALA A 142 9.67 -7.04 5.58
N ILE A 143 9.86 -8.25 5.07
CA ILE A 143 10.82 -8.46 3.97
C ILE A 143 10.08 -8.27 2.66
N PHE A 144 10.49 -7.25 1.92
CA PHE A 144 9.94 -6.95 0.60
C PHE A 144 10.77 -7.62 -0.49
N GLN A 145 10.11 -8.38 -1.35
CA GLN A 145 10.84 -9.05 -2.43
C GLN A 145 10.46 -8.40 -3.76
N PHE A 146 11.45 -8.26 -4.64
CA PHE A 146 11.16 -7.63 -5.90
C PHE A 146 12.07 -8.17 -6.97
N GLY A 147 11.47 -8.27 -8.13
CA GLY A 147 11.91 -8.83 -9.39
C GLY A 147 12.34 -7.76 -10.37
N GLY A 148 11.82 -7.95 -11.55
CA GLY A 148 12.13 -7.17 -12.73
C GLY A 148 10.81 -7.18 -13.47
N LEU A 149 10.83 -6.71 -14.70
CA LEU A 149 9.64 -6.69 -15.55
C LEU A 149 9.04 -8.07 -15.85
N LYS A 150 9.83 -9.12 -15.77
CA LYS A 150 9.37 -10.46 -16.10
C LYS A 150 9.16 -11.24 -14.81
N ARG A 151 8.14 -12.10 -14.79
CA ARG A 151 7.81 -12.88 -13.61
C ARG A 151 9.02 -13.63 -13.05
N ASN A 152 9.89 -14.09 -13.95
CA ASN A 152 11.06 -14.91 -13.59
C ASN A 152 12.37 -14.14 -13.38
N ASP A 153 12.33 -12.82 -13.47
CA ASP A 153 13.55 -12.06 -13.19
C ASP A 153 14.04 -12.36 -11.77
N PRO A 154 15.37 -12.38 -11.59
CA PRO A 154 15.92 -12.71 -10.26
C PRO A 154 15.36 -11.81 -9.16
N LEU A 155 14.97 -12.41 -8.05
CA LEU A 155 14.43 -11.65 -6.94
C LEU A 155 15.52 -11.11 -6.01
N LYS A 156 15.31 -9.89 -5.53
CA LYS A 156 16.10 -9.21 -4.50
C LYS A 156 15.20 -8.96 -3.29
N ARG A 157 15.79 -8.78 -2.12
CA ARG A 157 14.99 -8.58 -0.92
C ARG A 157 15.51 -7.42 -0.13
N LEU A 158 14.61 -6.62 0.43
CA LEU A 158 15.03 -5.65 1.41
C LEU A 158 14.00 -5.51 2.50
N LEU A 159 14.45 -5.16 3.68
CA LEU A 159 13.54 -4.97 4.80
C LEU A 159 12.89 -3.59 4.76
N LEU A 160 11.57 -3.54 4.92
CA LEU A 160 10.85 -2.27 5.02
C LEU A 160 10.50 -2.11 6.50
N GLU A 161 10.95 -1.02 7.08
CA GLU A 161 10.74 -0.82 8.52
C GLU A 161 9.84 0.36 8.76
N HIS A 162 9.51 0.54 10.03
CA HIS A 162 8.55 1.54 10.47
C HIS A 162 8.96 2.91 10.01
N GLY A 163 8.06 3.60 9.30
CA GLY A 163 8.35 4.95 8.84
C GLY A 163 8.98 5.03 7.45
N ASP A 164 9.41 3.90 6.91
CA ASP A 164 10.02 3.88 5.58
C ASP A 164 9.05 4.23 4.47
N VAL A 165 9.42 5.16 3.59
CA VAL A 165 8.58 5.49 2.46
C VAL A 165 9.36 5.20 1.20
N VAL A 166 8.70 4.68 0.19
CA VAL A 166 9.39 4.48 -1.11
C VAL A 166 8.50 5.01 -2.20
N VAL A 167 9.12 5.76 -3.12
CA VAL A 167 8.39 6.23 -4.29
C VAL A 167 8.78 5.30 -5.43
N TRP A 168 7.83 4.53 -5.96
CA TRP A 168 8.21 3.56 -6.97
C TRP A 168 7.86 4.16 -8.34
N GLY A 169 8.90 4.71 -8.97
CA GLY A 169 8.83 5.37 -10.27
C GLY A 169 9.59 4.64 -11.35
N GLY A 170 9.59 5.19 -12.56
CA GLY A 170 10.40 4.66 -13.62
C GLY A 170 10.19 3.16 -13.71
N GLU A 171 11.28 2.44 -13.97
CA GLU A 171 11.19 1.02 -14.27
C GLU A 171 10.61 0.24 -13.07
N SER A 172 10.95 0.66 -11.85
CA SER A 172 10.57 -0.09 -10.68
C SER A 172 9.06 -0.13 -10.55
N ARG A 173 8.39 0.85 -11.14
CA ARG A 173 6.92 0.90 -11.06
C ARG A 173 6.28 -0.39 -11.61
N LEU A 174 6.98 -1.04 -12.56
CA LEU A 174 6.52 -2.26 -13.22
C LEU A 174 7.06 -3.57 -12.65
N PHE A 175 7.87 -3.50 -11.61
CA PHE A 175 8.53 -4.72 -11.13
C PHE A 175 7.50 -5.64 -10.49
N TYR A 176 7.69 -6.95 -10.63
CA TYR A 176 6.97 -7.88 -9.77
C TYR A 176 7.50 -7.73 -8.36
N HIS A 177 6.63 -7.81 -7.36
CA HIS A 177 7.06 -7.57 -5.98
C HIS A 177 6.07 -8.22 -5.05
N GLY A 178 6.45 -8.37 -3.78
CA GLY A 178 5.55 -8.93 -2.78
C GLY A 178 6.14 -8.81 -1.38
N ILE A 179 5.44 -9.37 -0.40
CA ILE A 179 5.86 -9.28 1.01
C ILE A 179 5.86 -10.71 1.55
N GLN A 180 6.94 -11.08 2.21
CA GLN A 180 7.07 -12.44 2.75
C GLN A 180 6.35 -12.50 4.11
N PRO A 181 5.96 -13.71 4.56
CA PRO A 181 5.15 -13.82 5.78
C PRO A 181 5.71 -13.04 6.94
N LEU A 182 4.83 -12.25 7.56
CA LEU A 182 5.27 -11.32 8.58
C LEU A 182 5.75 -12.04 9.83
N LYS A 183 6.96 -11.70 10.28
CA LYS A 183 7.43 -12.24 11.55
C LYS A 183 6.70 -11.60 12.74
N ALA A 184 6.30 -12.41 13.71
CA ALA A 184 5.57 -11.89 14.87
C ALA A 184 6.49 -10.99 15.70
N GLY A 185 5.92 -10.00 16.38
CA GLY A 185 6.77 -9.14 17.20
C GLY A 185 5.94 -8.10 17.93
N PHE A 186 6.63 -7.12 18.49
CA PHE A 186 5.97 -6.02 19.14
C PHE A 186 6.44 -4.72 18.55
N HIS A 187 5.50 -3.81 18.32
CA HIS A 187 5.87 -2.46 17.99
C HIS A 187 5.01 -1.53 18.86
N PRO A 188 5.61 -0.46 19.40
CA PRO A 188 4.86 0.35 20.37
C PRO A 188 3.65 1.06 19.77
N LEU A 189 3.71 1.48 18.50
CA LEU A 189 2.59 2.17 17.87
C LEU A 189 1.50 1.28 17.27
N THR A 190 1.92 0.16 16.69
CA THR A 190 0.98 -0.80 16.11
C THR A 190 0.68 -2.05 16.91
N ILE A 191 1.32 -2.21 18.07
CA ILE A 191 1.18 -3.45 18.81
C ILE A 191 1.72 -4.67 18.05
N ASP A 192 0.84 -5.49 17.53
CA ASP A 192 1.18 -6.74 16.85
C ASP A 192 1.21 -6.79 15.31
N CYS A 193 1.07 -5.66 14.64
CA CYS A 193 0.93 -5.74 13.18
C CYS A 193 1.80 -4.78 12.38
N ARG A 194 1.72 -4.94 11.06
CA ARG A 194 2.28 -3.95 10.15
C ARG A 194 1.17 -3.32 9.30
N TYR A 195 1.26 -2.03 9.05
CA TYR A 195 0.38 -1.39 8.07
C TYR A 195 1.23 -0.90 6.92
N ASN A 196 0.65 -0.95 5.72
CA ASN A 196 1.31 -0.35 4.57
C ASN A 196 0.29 0.47 3.78
N LEU A 197 0.60 1.73 3.53
CA LEU A 197 -0.28 2.56 2.73
C LEU A 197 0.32 2.58 1.32
N THR A 198 -0.50 2.43 0.29
CA THR A 198 -0.02 2.71 -1.08
C THR A 198 -0.93 3.70 -1.78
N PHE A 199 -0.34 4.83 -2.16
CA PHE A 199 -1.02 5.91 -2.83
C PHE A 199 -0.90 5.73 -4.33
N ARG A 200 -2.05 5.79 -5.00
CA ARG A 200 -2.14 5.54 -6.47
C ARG A 200 -2.94 6.63 -7.16
N GLN A 201 -2.62 6.93 -8.41
CA GLN A 201 -3.56 7.65 -9.25
C GLN A 201 -4.34 6.58 -9.99
N ALA A 202 -5.57 6.38 -9.56
CA ALA A 202 -6.43 5.36 -10.16
C ALA A 202 -7.45 5.85 -11.17
N GLY A 203 -7.68 7.15 -11.22
CA GLY A 203 -8.67 7.71 -12.14
C GLY A 203 -7.96 8.35 -13.33
#